data_1SQN
#
_entry.id   1SQN
#
_cell.length_a   57.753
_cell.length_b   64.142
_cell.length_c   70.138
_cell.angle_alpha   90.00
_cell.angle_beta   95.84
_cell.angle_gamma   90.00
#
_symmetry.space_group_name_H-M   'P 1 21 1'
#
loop_
_entity.id
_entity.type
_entity.pdbx_description
1 polymer 'progesterone receptor'
2 non-polymer (14beta,17alpha)-17-ethynyl-17-hydroxyestr-4-en-3-one
3 water water
#
_entity_poly.entity_id   1
_entity_poly.type   'polypeptide(L)'
_entity_poly.pdbx_seq_one_letter_code
;FTFSPGQDIQLIPPLINLLMSIEPDVIYAGHDNTKPDTSSSLLTSLNQLGERQLLSVVKWSKSLPGFRNLHIDDQITLIQ
YSWMSLMVFGLGWRSYKHVSGQMLYFAPDLILNEQRMKESSFYSLCLTMWQIPQEFVKLQVSQEEFLCMKVLLLLNTIPL
EGLRSQTQFEEMRSSYIRELIKAIGLRQKGVVSSSQRFYQLTKLLDNLHDLVKQLHLYCLNTFIQSRALSVEFPEMMSEV
IAAQLPKILAGMVKPLLFHKK
;
_entity_poly.pdbx_strand_id   A,B
#
# COMPACT_ATOMS: atom_id res chain seq x y z
N GLN A 10 -31.50 -33.90 -0.51
CA GLN A 10 -31.99 -34.82 0.57
C GLN A 10 -31.15 -34.52 1.76
N LEU A 11 -29.97 -35.13 1.78
CA LEU A 11 -29.08 -34.94 2.89
C LEU A 11 -28.26 -33.63 2.69
N ILE A 12 -28.19 -33.07 1.46
CA ILE A 12 -27.45 -31.82 1.25
C ILE A 12 -28.42 -30.64 1.26
N PRO A 13 -28.15 -29.69 2.10
CA PRO A 13 -29.03 -28.54 2.25
C PRO A 13 -29.17 -27.82 0.89
N PRO A 14 -30.36 -27.28 0.67
CA PRO A 14 -30.68 -26.69 -0.62
C PRO A 14 -29.80 -25.51 -0.99
N LEU A 15 -29.42 -24.70 -0.04
CA LEU A 15 -28.59 -23.52 -0.41
C LEU A 15 -27.21 -24.06 -0.92
N ILE A 16 -26.68 -25.07 -0.26
CA ILE A 16 -25.39 -25.63 -0.73
C ILE A 16 -25.55 -26.27 -2.13
N ASN A 17 -26.68 -26.92 -2.39
CA ASN A 17 -26.89 -27.49 -3.72
C ASN A 17 -26.97 -26.34 -4.74
N LEU A 18 -27.58 -25.27 -4.36
CA LEU A 18 -27.67 -24.09 -5.27
C LEU A 18 -26.27 -23.51 -5.53
N LEU A 19 -25.47 -23.38 -4.45
CA LEU A 19 -24.10 -22.89 -4.64
C LEU A 19 -23.33 -23.79 -5.63
N MET A 20 -23.52 -25.11 -5.55
CA MET A 20 -22.81 -25.97 -6.49
C MET A 20 -23.30 -25.66 -7.92
N SER A 21 -24.61 -25.45 -8.08
CA SER A 21 -25.13 -25.23 -9.42
C SER A 21 -24.74 -23.92 -10.02
N ILE A 22 -24.36 -22.94 -9.18
CA ILE A 22 -23.97 -21.62 -9.79
C ILE A 22 -22.45 -21.41 -9.93
N GLU A 23 -21.68 -22.44 -9.56
CA GLU A 23 -20.23 -22.36 -9.78
C GLU A 23 -19.96 -22.13 -11.30
N PRO A 24 -18.96 -21.33 -11.64
CA PRO A 24 -18.63 -21.12 -13.07
C PRO A 24 -18.17 -22.39 -13.72
N ASP A 25 -18.28 -22.47 -15.05
CA ASP A 25 -17.82 -23.61 -15.79
C ASP A 25 -16.30 -23.35 -15.89
N VAL A 26 -15.59 -24.34 -16.37
CA VAL A 26 -14.15 -24.23 -16.52
C VAL A 26 -13.78 -23.05 -17.38
N ILE A 27 -12.74 -22.33 -16.94
CA ILE A 27 -12.24 -21.16 -17.65
C ILE A 27 -10.82 -21.35 -18.14
N TYR A 28 -10.63 -21.20 -19.43
CA TYR A 28 -9.32 -21.38 -20.09
C TYR A 28 -8.59 -20.05 -20.07
N ALA A 29 -7.26 -20.08 -19.95
CA ALA A 29 -6.51 -18.82 -20.03
C ALA A 29 -6.34 -18.36 -21.51
N GLY A 30 -6.50 -19.28 -22.44
CA GLY A 30 -6.27 -18.95 -23.85
C GLY A 30 -4.76 -18.99 -24.11
N HIS A 31 -4.05 -19.80 -23.32
CA HIS A 31 -2.62 -19.90 -23.37
C HIS A 31 -2.29 -20.87 -24.49
N ASP A 32 -1.22 -20.60 -25.21
CA ASP A 32 -0.91 -21.36 -26.42
C ASP A 32 0.24 -22.34 -26.26
N ASN A 33 1.10 -22.07 -25.27
CA ASN A 33 2.26 -22.91 -25.01
C ASN A 33 2.75 -23.71 -26.23
N PRO A 36 6.45 -21.51 -25.85
CA PRO A 36 7.54 -21.30 -24.85
C PRO A 36 7.37 -19.96 -24.12
N ASP A 37 7.12 -19.99 -22.81
CA ASP A 37 6.87 -18.72 -22.12
C ASP A 37 8.09 -17.96 -21.66
N THR A 38 7.97 -16.62 -21.69
CA THR A 38 8.91 -15.78 -21.01
C THR A 38 8.14 -15.37 -19.77
N SER A 39 8.82 -14.65 -18.92
CA SER A 39 8.26 -14.22 -17.67
C SER A 39 7.13 -13.30 -18.06
N SER A 40 7.36 -12.45 -19.07
CA SER A 40 6.38 -11.46 -19.47
C SER A 40 5.13 -12.09 -20.14
N SER A 41 5.39 -13.11 -20.97
CA SER A 41 4.26 -13.79 -21.61
C SER A 41 3.43 -14.57 -20.59
N LEU A 42 4.11 -15.17 -19.60
CA LEU A 42 3.38 -15.90 -18.55
C LEU A 42 2.50 -14.96 -17.71
N LEU A 43 3.10 -13.85 -17.26
CA LEU A 43 2.33 -12.81 -16.53
C LEU A 43 1.14 -12.28 -17.34
N THR A 44 1.31 -12.02 -18.65
CA THR A 44 0.20 -11.64 -19.48
C THR A 44 -0.88 -12.66 -19.57
N SER A 45 -0.51 -13.94 -19.62
CA SER A 45 -1.45 -14.99 -19.71
C SER A 45 -2.24 -15.12 -18.40
N LEU A 46 -1.52 -14.96 -17.30
CA LEU A 46 -2.18 -14.97 -16.00
C LEU A 46 -3.18 -13.76 -15.89
N ASN A 47 -2.79 -12.61 -16.41
CA ASN A 47 -3.74 -11.46 -16.38
C ASN A 47 -4.93 -11.66 -17.28
N GLN A 48 -4.74 -12.34 -18.40
CA GLN A 48 -5.85 -12.64 -19.30
C GLN A 48 -6.83 -13.61 -18.62
N LEU A 49 -6.25 -14.59 -17.96
CA LEU A 49 -7.09 -15.52 -17.20
C LEU A 49 -7.82 -14.76 -16.10
N GLY A 50 -7.16 -13.81 -15.50
CA GLY A 50 -7.71 -12.95 -14.40
C GLY A 50 -8.91 -12.17 -14.95
N GLU A 51 -8.76 -11.62 -16.16
CA GLU A 51 -9.88 -10.84 -16.82
C GLU A 51 -11.09 -11.75 -16.97
N ARG A 52 -10.87 -12.99 -17.43
CA ARG A 52 -11.97 -13.94 -17.66
C ARG A 52 -12.60 -14.38 -16.34
N GLN A 53 -11.80 -14.55 -15.32
CA GLN A 53 -12.35 -14.96 -14.06
C GLN A 53 -13.12 -13.84 -13.37
N LEU A 54 -12.72 -12.60 -13.61
CA LEU A 54 -13.36 -11.47 -13.00
C LEU A 54 -14.77 -11.39 -13.53
N LEU A 55 -14.95 -11.57 -14.83
CA LEU A 55 -16.27 -11.65 -15.42
C LEU A 55 -17.07 -12.75 -14.77
N SER A 56 -16.43 -13.91 -14.54
CA SER A 56 -17.13 -15.02 -13.95
C SER A 56 -17.57 -14.73 -12.54
N VAL A 57 -16.71 -14.06 -11.78
CA VAL A 57 -17.10 -13.66 -10.45
C VAL A 57 -18.33 -12.74 -10.46
N VAL A 58 -18.32 -11.77 -11.33
CA VAL A 58 -19.46 -10.89 -11.34
C VAL A 58 -20.76 -11.66 -11.73
N LYS A 59 -20.72 -12.52 -12.74
CA LYS A 59 -21.87 -13.30 -13.10
C LYS A 59 -22.32 -14.19 -11.92
N TRP A 60 -21.36 -14.85 -11.29
CA TRP A 60 -21.64 -15.70 -10.12
C TRP A 60 -22.40 -14.87 -9.08
N SER A 61 -21.88 -13.68 -8.78
CA SER A 61 -22.47 -12.81 -7.72
C SER A 61 -23.95 -12.54 -8.00
N LYS A 62 -24.34 -12.45 -9.26
CA LYS A 62 -25.70 -12.06 -9.64
C LYS A 62 -26.67 -13.18 -9.28
N SER A 63 -26.14 -14.41 -9.14
CA SER A 63 -27.01 -15.55 -8.82
C SER A 63 -26.87 -15.96 -7.34
N LEU A 64 -25.90 -15.38 -6.64
CA LEU A 64 -25.60 -15.80 -5.23
C LEU A 64 -26.70 -15.33 -4.30
N PRO A 65 -27.44 -16.24 -3.68
CA PRO A 65 -28.58 -15.77 -2.88
C PRO A 65 -28.23 -14.71 -1.86
N GLY A 66 -28.99 -13.61 -1.92
CA GLY A 66 -28.76 -12.50 -0.99
C GLY A 66 -27.93 -11.33 -1.56
N PHE A 67 -26.97 -11.62 -2.45
CA PHE A 67 -26.02 -10.57 -2.82
C PHE A 67 -26.65 -9.45 -3.58
N ARG A 68 -27.59 -9.80 -4.48
CA ARG A 68 -28.25 -8.74 -5.35
C ARG A 68 -29.14 -7.84 -4.54
N ASN A 69 -29.42 -8.17 -3.31
CA ASN A 69 -30.25 -7.35 -2.47
C ASN A 69 -29.51 -6.28 -1.65
N LEU A 70 -28.18 -6.32 -1.73
CA LEU A 70 -27.39 -5.23 -1.22
C LEU A 70 -27.39 -4.09 -2.24
N HIS A 71 -27.16 -2.89 -1.75
CA HIS A 71 -27.07 -1.79 -2.69
C HIS A 71 -26.00 -2.06 -3.74
N ILE A 72 -26.25 -1.61 -4.96
CA ILE A 72 -25.32 -1.89 -6.06
C ILE A 72 -23.92 -1.38 -5.76
N ASP A 73 -23.80 -0.21 -5.14
CA ASP A 73 -22.44 0.26 -4.79
C ASP A 73 -21.73 -0.70 -3.88
N ASP A 74 -22.45 -1.27 -2.90
CA ASP A 74 -21.86 -2.17 -1.95
C ASP A 74 -21.44 -3.48 -2.74
N GLN A 75 -22.32 -3.96 -3.65
CA GLN A 75 -21.93 -5.14 -4.43
C GLN A 75 -20.63 -4.85 -5.13
N ILE A 76 -20.55 -3.73 -5.88
CA ILE A 76 -19.31 -3.41 -6.54
C ILE A 76 -18.09 -3.36 -5.60
N THR A 77 -18.24 -2.69 -4.47
CA THR A 77 -17.18 -2.53 -3.53
C THR A 77 -16.65 -3.97 -3.04
N LEU A 78 -17.59 -4.84 -2.72
CA LEU A 78 -17.23 -6.15 -2.19
C LEU A 78 -16.49 -6.99 -3.27
N ILE A 79 -16.95 -6.86 -4.50
CA ILE A 79 -16.27 -7.58 -5.63
C ILE A 79 -14.85 -6.98 -5.78
N GLN A 80 -14.73 -5.64 -5.74
CA GLN A 80 -13.40 -5.03 -5.84
C GLN A 80 -12.51 -5.31 -4.65
N TYR A 81 -13.06 -5.59 -3.47
CA TYR A 81 -12.21 -5.86 -2.36
C TYR A 81 -11.78 -7.33 -2.33
N SER A 82 -12.65 -8.21 -2.81
CA SER A 82 -12.39 -9.66 -2.67
C SER A 82 -11.92 -10.39 -3.91
N TRP A 83 -11.86 -9.74 -5.05
CA TRP A 83 -11.53 -10.50 -6.27
C TRP A 83 -10.24 -11.30 -6.15
N MET A 84 -9.17 -10.73 -5.64
CA MET A 84 -7.91 -11.50 -5.57
C MET A 84 -8.10 -12.71 -4.63
N SER A 85 -8.75 -12.49 -3.50
CA SER A 85 -8.96 -13.57 -2.59
C SER A 85 -9.79 -14.67 -3.20
N LEU A 86 -10.80 -14.31 -3.98
CA LEU A 86 -11.62 -15.35 -4.60
C LEU A 86 -10.80 -16.13 -5.64
N MET A 87 -9.98 -15.38 -6.39
CA MET A 87 -9.17 -16.01 -7.43
C MET A 87 -8.16 -17.01 -6.85
N VAL A 88 -7.45 -16.59 -5.82
CA VAL A 88 -6.47 -17.53 -5.21
C VAL A 88 -7.14 -18.67 -4.49
N PHE A 89 -8.32 -18.45 -3.90
CA PHE A 89 -9.03 -19.55 -3.21
C PHE A 89 -9.50 -20.59 -4.26
N GLY A 90 -9.98 -20.12 -5.40
CA GLY A 90 -10.45 -21.01 -6.48
C GLY A 90 -9.23 -21.76 -7.04
N LEU A 91 -8.09 -21.06 -7.17
CA LEU A 91 -6.85 -21.71 -7.65
C LEU A 91 -6.55 -22.82 -6.70
N GLY A 92 -6.69 -22.55 -5.41
CA GLY A 92 -6.34 -23.56 -4.38
C GLY A 92 -7.28 -24.79 -4.55
N TRP A 93 -8.57 -24.54 -4.87
CA TRP A 93 -9.53 -25.67 -4.98
C TRP A 93 -9.14 -26.50 -6.18
N ARG A 94 -8.96 -25.83 -7.30
CA ARG A 94 -8.64 -26.58 -8.55
C ARG A 94 -7.30 -27.36 -8.43
N SER A 95 -6.31 -26.75 -7.78
CA SER A 95 -5.03 -27.47 -7.59
C SER A 95 -5.22 -28.75 -6.72
N TYR A 96 -6.03 -28.59 -5.67
CA TYR A 96 -6.36 -29.71 -4.77
C TYR A 96 -7.13 -30.76 -5.51
N LYS A 97 -8.18 -30.37 -6.22
CA LYS A 97 -9.00 -31.37 -6.96
C LYS A 97 -8.28 -32.08 -8.12
N HIS A 98 -7.54 -31.35 -8.92
CA HIS A 98 -7.02 -31.90 -10.19
C HIS A 98 -5.62 -32.45 -10.13
N VAL A 99 -4.78 -31.96 -9.21
CA VAL A 99 -3.37 -32.37 -9.13
C VAL A 99 -2.93 -32.64 -7.66
N SER A 100 -3.90 -32.92 -6.80
CA SER A 100 -3.58 -33.24 -5.40
C SER A 100 -2.74 -32.18 -4.69
N GLY A 101 -2.91 -30.93 -5.10
CA GLY A 101 -2.26 -29.84 -4.48
C GLY A 101 -0.76 -29.72 -4.87
N GLN A 102 -0.28 -30.62 -5.75
CA GLN A 102 1.15 -30.65 -6.06
C GLN A 102 1.61 -29.83 -7.30
N MET A 103 0.66 -29.16 -7.98
CA MET A 103 1.00 -28.19 -9.02
C MET A 103 -0.09 -27.09 -8.84
N LEU A 104 0.14 -25.94 -9.45
CA LEU A 104 -0.90 -24.81 -9.35
C LEU A 104 -1.71 -24.84 -10.64
N TYR A 105 -2.96 -25.25 -10.54
CA TYR A 105 -3.81 -25.46 -11.71
C TYR A 105 -4.62 -24.13 -11.90
N PHE A 106 -3.94 -23.19 -12.50
CA PHE A 106 -4.62 -21.91 -12.85
C PHE A 106 -5.81 -22.15 -13.81
N ALA A 107 -5.63 -22.99 -14.83
CA ALA A 107 -6.66 -23.27 -15.78
C ALA A 107 -6.20 -24.62 -16.44
N PRO A 108 -7.08 -25.25 -17.21
CA PRO A 108 -6.68 -26.54 -17.85
C PRO A 108 -5.52 -26.30 -18.80
N ASP A 109 -5.44 -25.07 -19.36
CA ASP A 109 -4.32 -24.75 -20.27
C ASP A 109 -3.19 -23.96 -19.65
N LEU A 110 -3.14 -23.89 -18.31
CA LEU A 110 -2.15 -23.12 -17.64
C LEU A 110 -1.97 -23.75 -16.26
N ILE A 111 -1.20 -24.83 -16.26
CA ILE A 111 -0.89 -25.52 -15.04
C ILE A 111 0.62 -25.35 -14.76
N LEU A 112 1.02 -24.88 -13.61
CA LEU A 112 2.42 -24.63 -13.37
C LEU A 112 2.93 -25.57 -12.31
N ASN A 113 4.11 -26.14 -12.60
CA ASN A 113 4.89 -26.86 -11.59
C ASN A 113 6.16 -26.03 -11.35
N GLU A 114 7.04 -26.52 -10.47
CA GLU A 114 8.21 -25.76 -10.10
C GLU A 114 9.15 -25.32 -11.28
N GLN A 115 9.24 -26.19 -12.26
CA GLN A 115 10.08 -25.93 -13.44
C GLN A 115 9.68 -24.65 -14.17
N ARG A 116 8.40 -24.31 -14.00
CA ARG A 116 7.83 -23.21 -14.79
C ARG A 116 7.86 -21.94 -14.04
N MET A 117 8.41 -22.01 -12.84
CA MET A 117 8.57 -20.90 -11.92
C MET A 117 10.02 -20.49 -11.76
N LYS A 118 10.54 -19.87 -12.81
CA LYS A 118 11.93 -19.44 -12.86
C LYS A 118 12.32 -18.28 -12.03
N GLU A 119 11.65 -17.13 -12.26
CA GLU A 119 11.99 -15.90 -11.59
C GLU A 119 11.75 -16.08 -10.14
N SER A 120 12.72 -15.67 -9.33
CA SER A 120 12.67 -15.87 -7.87
C SER A 120 11.44 -15.24 -7.20
N SER A 121 11.15 -14.00 -7.60
CA SER A 121 9.99 -13.28 -7.05
C SER A 121 8.66 -14.05 -7.32
N PHE A 122 8.51 -14.57 -8.52
CA PHE A 122 7.29 -15.27 -8.95
C PHE A 122 7.23 -16.63 -8.25
N TYR A 123 8.38 -17.23 -8.04
CA TYR A 123 8.40 -18.53 -7.32
C TYR A 123 7.97 -18.32 -5.94
N SER A 124 8.50 -17.28 -5.31
CA SER A 124 8.16 -16.98 -3.97
C SER A 124 6.62 -16.70 -3.86
N LEU A 125 6.11 -15.95 -4.79
CA LEU A 125 4.64 -15.72 -4.82
C LEU A 125 3.87 -17.06 -4.93
N CYS A 126 4.32 -17.95 -5.76
CA CYS A 126 3.66 -19.23 -5.95
C CYS A 126 3.74 -20.08 -4.67
N LEU A 127 4.89 -20.00 -3.95
CA LEU A 127 4.97 -20.69 -2.65
C LEU A 127 3.90 -20.16 -1.71
N THR A 128 3.71 -18.84 -1.70
CA THR A 128 2.65 -18.27 -0.88
C THR A 128 1.26 -18.79 -1.27
N MET A 129 0.96 -18.78 -2.55
CA MET A 129 -0.36 -19.29 -3.02
C MET A 129 -0.53 -20.75 -2.74
N TRP A 130 0.58 -21.51 -2.76
CA TRP A 130 0.54 -22.98 -2.60
C TRP A 130 0.03 -23.33 -1.19
N GLN A 131 0.11 -22.39 -0.21
CA GLN A 131 -0.35 -22.73 1.16
C GLN A 131 -1.84 -23.12 1.20
N ILE A 132 -2.62 -22.57 0.24
CA ILE A 132 -4.05 -22.87 0.29
C ILE A 132 -4.34 -24.34 -0.09
N PRO A 133 -3.87 -24.79 -1.26
CA PRO A 133 -4.15 -26.19 -1.62
C PRO A 133 -3.50 -27.14 -0.60
N GLN A 134 -2.37 -26.74 -0.02
CA GLN A 134 -1.75 -27.61 1.03
C GLN A 134 -2.67 -27.74 2.21
N GLU A 135 -3.27 -26.64 2.58
CA GLU A 135 -4.22 -26.72 3.70
C GLU A 135 -5.45 -27.49 3.37
N PHE A 136 -5.94 -27.33 2.14
CA PHE A 136 -7.09 -28.12 1.67
C PHE A 136 -6.83 -29.65 1.78
N VAL A 137 -5.63 -30.00 1.37
CA VAL A 137 -5.21 -31.44 1.45
C VAL A 137 -5.15 -31.91 2.91
N LYS A 138 -4.54 -31.07 3.75
CA LYS A 138 -4.35 -31.42 5.18
C LYS A 138 -5.69 -31.58 5.91
N LEU A 139 -6.59 -30.62 5.65
CA LEU A 139 -7.83 -30.66 6.37
C LEU A 139 -8.89 -31.43 5.61
N GLN A 140 -8.56 -31.94 4.41
CA GLN A 140 -9.53 -32.61 3.61
C GLN A 140 -10.84 -31.82 3.42
N VAL A 141 -10.69 -30.54 3.04
CA VAL A 141 -11.89 -29.68 2.87
C VAL A 141 -12.87 -30.26 1.82
N SER A 142 -14.16 -30.27 2.14
CA SER A 142 -15.12 -30.82 1.20
C SER A 142 -15.64 -29.72 0.26
N GLN A 143 -16.26 -30.13 -0.84
CA GLN A 143 -16.81 -29.18 -1.80
C GLN A 143 -17.85 -28.30 -1.08
N GLU A 144 -18.62 -28.93 -0.17
CA GLU A 144 -19.70 -28.17 0.58
C GLU A 144 -19.09 -27.12 1.47
N GLU A 145 -18.05 -27.48 2.20
CA GLU A 145 -17.33 -26.47 3.01
C GLU A 145 -16.79 -25.34 2.15
N PHE A 146 -16.06 -25.71 1.12
CA PHE A 146 -15.41 -24.77 0.21
C PHE A 146 -16.40 -23.73 -0.32
N LEU A 147 -17.57 -24.19 -0.75
CA LEU A 147 -18.55 -23.28 -1.41
C LEU A 147 -19.04 -22.23 -0.40
N CYS A 148 -19.24 -22.65 0.85
CA CYS A 148 -19.71 -21.67 1.88
C CYS A 148 -18.57 -20.76 2.27
N MET A 149 -17.37 -21.34 2.44
CA MET A 149 -16.22 -20.52 2.74
C MET A 149 -15.97 -19.44 1.67
N LYS A 150 -16.22 -19.81 0.41
CA LYS A 150 -15.98 -18.87 -0.68
C LYS A 150 -16.93 -17.63 -0.59
N VAL A 151 -18.20 -17.86 -0.20
CA VAL A 151 -19.10 -16.73 0.00
C VAL A 151 -18.62 -15.84 1.17
N LEU A 152 -18.17 -16.50 2.24
CA LEU A 152 -17.67 -15.73 3.39
C LEU A 152 -16.49 -14.89 2.95
N LEU A 153 -15.64 -15.41 2.07
CA LEU A 153 -14.54 -14.58 1.53
C LEU A 153 -15.04 -13.35 0.76
N LEU A 154 -16.09 -13.50 -0.07
CA LEU A 154 -16.64 -12.36 -0.80
C LEU A 154 -17.11 -11.29 0.21
N LEU A 155 -17.45 -11.78 1.41
CA LEU A 155 -18.03 -10.89 2.46
C LEU A 155 -17.05 -10.64 3.55
N ASN A 156 -15.75 -10.74 3.29
CA ASN A 156 -14.82 -10.67 4.41
C ASN A 156 -14.09 -9.35 4.68
N THR A 157 -14.34 -8.37 3.85
CA THR A 157 -13.76 -7.03 4.02
C THR A 157 -14.80 -6.05 3.68
N ILE A 158 -14.86 -4.97 4.46
CA ILE A 158 -15.81 -3.85 4.19
C ILE A 158 -15.11 -2.50 4.41
N PRO A 159 -15.71 -1.40 3.93
CA PRO A 159 -15.07 -0.06 4.08
C PRO A 159 -15.03 0.33 5.53
N LEU A 160 -14.06 1.20 5.85
CA LEU A 160 -13.85 1.62 7.23
C LEU A 160 -15.13 2.22 7.83
N GLU A 161 -15.93 2.88 7.00
CA GLU A 161 -17.19 3.44 7.44
C GLU A 161 -18.38 2.47 7.28
N GLY A 162 -18.10 1.21 6.89
CA GLY A 162 -19.20 0.28 6.70
C GLY A 162 -19.83 0.39 5.34
N LEU A 163 -20.84 -0.43 5.07
CA LEU A 163 -21.53 -0.45 3.83
C LEU A 163 -22.85 0.35 3.99
N ARG A 164 -23.41 0.75 2.87
CA ARG A 164 -24.76 1.40 2.90
C ARG A 164 -25.78 0.33 3.44
N SER A 165 -25.68 -0.89 2.91
CA SER A 165 -26.58 -1.99 3.23
C SER A 165 -25.99 -2.82 4.39
N GLN A 166 -25.48 -2.16 5.44
CA GLN A 166 -24.83 -2.92 6.51
C GLN A 166 -25.71 -3.97 7.17
N THR A 167 -26.98 -3.60 7.45
CA THR A 167 -27.84 -4.56 8.07
C THR A 167 -28.04 -5.84 7.27
N GLN A 168 -28.44 -5.67 6.02
CA GLN A 168 -28.64 -6.76 5.10
C GLN A 168 -27.30 -7.58 4.92
N PHE A 169 -26.19 -6.86 4.88
CA PHE A 169 -24.87 -7.51 4.74
C PHE A 169 -24.64 -8.47 5.92
N GLU A 170 -24.84 -7.92 7.12
CA GLU A 170 -24.67 -8.76 8.31
C GLU A 170 -25.58 -9.97 8.35
N GLU A 171 -26.84 -9.81 7.93
CA GLU A 171 -27.75 -10.93 7.87
C GLU A 171 -27.22 -12.01 6.89
N MET A 172 -26.78 -11.52 5.73
CA MET A 172 -26.22 -12.41 4.75
C MET A 172 -25.03 -13.20 5.25
N ARG A 173 -24.11 -12.48 5.89
CA ARG A 173 -22.89 -13.14 6.44
C ARG A 173 -23.29 -14.17 7.48
N SER A 174 -24.26 -13.83 8.35
CA SER A 174 -24.75 -14.81 9.37
C SER A 174 -25.34 -16.05 8.73
N SER A 175 -26.06 -15.91 7.60
CA SER A 175 -26.74 -17.00 6.93
C SER A 175 -25.68 -17.96 6.35
N TYR A 176 -24.65 -17.37 5.77
CA TYR A 176 -23.60 -18.24 5.22
C TYR A 176 -22.71 -18.89 6.26
N ILE A 177 -22.60 -18.28 7.42
CA ILE A 177 -21.89 -18.90 8.55
C ILE A 177 -22.73 -20.07 9.06
N ARG A 178 -24.04 -19.89 9.15
CA ARG A 178 -24.93 -21.00 9.50
C ARG A 178 -24.82 -22.11 8.46
N GLU A 179 -24.64 -21.73 7.19
CA GLU A 179 -24.62 -22.76 6.16
C GLU A 179 -23.29 -23.49 6.20
N LEU A 180 -22.21 -22.78 6.52
CA LEU A 180 -20.93 -23.46 6.70
C LEU A 180 -20.99 -24.53 7.83
N ILE A 181 -21.67 -24.15 8.92
CA ILE A 181 -21.89 -25.13 10.01
C ILE A 181 -22.70 -26.32 9.53
N LYS A 182 -23.67 -26.12 8.64
CA LYS A 182 -24.43 -27.27 8.08
C LYS A 182 -23.44 -28.12 7.22
N ALA A 183 -22.57 -27.43 6.50
CA ALA A 183 -21.64 -28.15 5.63
C ALA A 183 -20.72 -29.04 6.42
N ILE A 184 -20.27 -28.51 7.53
CA ILE A 184 -19.28 -29.20 8.45
C ILE A 184 -20.04 -30.39 9.05
N GLY A 185 -21.30 -30.17 9.40
CA GLY A 185 -22.16 -31.24 9.99
C GLY A 185 -22.45 -32.42 9.10
N LEU A 186 -22.22 -32.27 7.80
CA LEU A 186 -22.42 -33.35 6.86
C LEU A 186 -21.45 -34.50 7.10
N ARG A 187 -20.26 -34.21 7.59
CA ARG A 187 -19.21 -35.21 7.84
C ARG A 187 -18.82 -35.27 9.29
N GLN A 188 -18.90 -34.11 9.97
CA GLN A 188 -18.66 -34.01 11.44
C GLN A 188 -19.97 -34.00 12.26
N GLY A 190 -20.20 -35.17 15.33
CA GLY A 190 -19.74 -34.87 16.72
C GLY A 190 -19.92 -33.39 17.05
N VAL A 191 -20.20 -33.05 18.30
CA VAL A 191 -20.42 -31.65 18.59
C VAL A 191 -19.10 -30.89 18.86
N VAL A 192 -18.14 -31.59 19.46
CA VAL A 192 -16.84 -31.02 19.74
C VAL A 192 -15.95 -30.98 18.50
N SER A 193 -15.91 -32.09 17.77
CA SER A 193 -15.12 -32.14 16.55
C SER A 193 -15.69 -31.10 15.53
N SER A 194 -17.00 -31.03 15.47
CA SER A 194 -17.62 -30.09 14.55
C SER A 194 -17.30 -28.65 14.96
N SER A 195 -17.22 -28.42 16.26
CA SER A 195 -16.76 -27.13 16.76
C SER A 195 -15.28 -26.85 16.43
N GLN A 196 -14.43 -27.83 16.62
CA GLN A 196 -13.05 -27.68 16.34
C GLN A 196 -12.90 -27.48 14.80
N ARG A 197 -13.75 -28.12 14.03
CA ARG A 197 -13.56 -27.99 12.54
C ARG A 197 -13.97 -26.57 12.11
N PHE A 198 -15.01 -26.06 12.73
CA PHE A 198 -15.39 -24.68 12.49
C PHE A 198 -14.28 -23.72 12.79
N TYR A 199 -13.64 -23.96 13.91
CA TYR A 199 -12.54 -23.12 14.25
C TYR A 199 -11.51 -23.19 13.18
N GLN A 200 -11.18 -24.41 12.74
CA GLN A 200 -10.11 -24.60 11.78
C GLN A 200 -10.39 -23.89 10.42
N LEU A 201 -11.64 -24.05 9.96
CA LEU A 201 -11.99 -23.42 8.66
C LEU A 201 -12.09 -21.90 8.74
N THR A 202 -12.58 -21.36 9.85
CA THR A 202 -12.67 -19.92 9.97
C THR A 202 -11.32 -19.28 10.23
N LYS A 203 -10.39 -20.08 10.79
CA LYS A 203 -9.03 -19.53 11.00
C LYS A 203 -8.27 -19.48 9.66
N LEU A 204 -8.55 -20.49 8.83
CA LEU A 204 -7.99 -20.47 7.47
C LEU A 204 -8.44 -19.16 6.79
N LEU A 205 -9.72 -18.87 6.90
CA LEU A 205 -10.24 -17.61 6.31
C LEU A 205 -9.56 -16.39 6.87
N ASP A 206 -9.44 -16.33 8.21
CA ASP A 206 -8.72 -15.17 8.77
C ASP A 206 -7.30 -15.01 8.19
N ASN A 207 -6.61 -16.15 8.07
CA ASN A 207 -5.23 -16.18 7.64
C ASN A 207 -5.12 -15.75 6.20
N LEU A 208 -6.23 -15.86 5.45
CA LEU A 208 -6.11 -15.41 4.03
C LEU A 208 -5.86 -13.87 3.88
N HIS A 209 -6.28 -13.05 4.82
CA HIS A 209 -6.06 -11.64 4.69
C HIS A 209 -4.54 -11.36 4.57
N ASP A 210 -3.74 -12.04 5.39
CA ASP A 210 -2.32 -11.77 5.29
C ASP A 210 -1.71 -12.32 4.05
N LEU A 211 -2.20 -13.51 3.66
CA LEU A 211 -1.69 -14.10 2.43
C LEU A 211 -1.98 -13.21 1.17
N VAL A 212 -3.23 -12.68 1.06
CA VAL A 212 -3.63 -11.92 -0.10
C VAL A 212 -2.89 -10.60 -0.19
N LYS A 213 -2.51 -10.10 0.98
CA LYS A 213 -1.68 -8.87 1.01
C LYS A 213 -0.43 -9.00 0.12
N GLN A 214 0.24 -10.16 0.16
CA GLN A 214 1.41 -10.38 -0.68
C GLN A 214 1.05 -10.35 -2.17
N LEU A 215 -0.12 -10.96 -2.52
CA LEU A 215 -0.54 -10.99 -3.89
C LEU A 215 -0.94 -9.58 -4.37
N HIS A 216 -1.61 -8.78 -3.48
CA HIS A 216 -1.97 -7.44 -3.85
C HIS A 216 -0.72 -6.58 -4.15
N LEU A 217 0.30 -6.73 -3.36
CA LEU A 217 1.52 -5.94 -3.56
C LEU A 217 2.19 -6.34 -4.83
N TYR A 218 2.29 -7.68 -5.05
CA TYR A 218 2.93 -8.10 -6.28
C TYR A 218 2.18 -7.59 -7.48
N CYS A 219 0.84 -7.73 -7.46
CA CYS A 219 0.07 -7.27 -8.63
C CYS A 219 0.20 -5.77 -8.88
N LEU A 220 0.08 -4.97 -7.84
CA LEU A 220 0.23 -3.52 -8.05
C LEU A 220 1.63 -3.11 -8.52
N ASN A 221 2.64 -3.78 -8.05
CA ASN A 221 3.99 -3.49 -8.56
C ASN A 221 4.04 -3.86 -10.01
N THR A 222 3.52 -5.04 -10.40
CA THR A 222 3.59 -5.48 -11.76
C THR A 222 2.79 -4.54 -12.67
N PHE A 223 1.66 -4.02 -12.15
CA PHE A 223 0.79 -3.13 -12.90
C PHE A 223 1.54 -1.76 -13.17
N ILE A 224 2.06 -1.15 -12.10
CA ILE A 224 2.88 0.11 -12.26
C ILE A 224 4.04 -0.12 -13.25
N GLN A 225 4.65 -1.28 -13.23
CA GLN A 225 5.83 -1.52 -14.11
C GLN A 225 5.47 -2.20 -15.43
N SER A 226 4.18 -2.30 -15.71
CA SER A 226 3.72 -3.13 -16.80
C SER A 226 4.38 -2.78 -18.16
N ARG A 227 4.48 -1.51 -18.46
CA ARG A 227 5.09 -1.16 -19.78
C ARG A 227 6.52 -1.61 -19.82
N ALA A 228 7.22 -1.39 -18.72
CA ALA A 228 8.65 -1.73 -18.63
C ALA A 228 8.85 -3.21 -18.69
N LEU A 229 7.94 -3.95 -18.05
CA LEU A 229 8.00 -5.38 -18.00
C LEU A 229 7.44 -6.08 -19.25
N SER A 230 6.89 -5.31 -20.18
CA SER A 230 6.19 -5.82 -21.35
C SER A 230 4.98 -6.73 -21.01
N VAL A 231 4.29 -6.40 -19.92
CA VAL A 231 3.13 -7.22 -19.43
C VAL A 231 1.83 -6.47 -19.71
N GLU A 232 0.85 -7.17 -20.27
CA GLU A 232 -0.39 -6.55 -20.55
C GLU A 232 -1.43 -6.86 -19.52
N PHE A 233 -2.22 -5.83 -19.11
CA PHE A 233 -3.32 -5.97 -18.18
C PHE A 233 -4.59 -5.54 -18.88
N PRO A 234 -5.55 -6.44 -19.00
CA PRO A 234 -6.81 -6.14 -19.68
C PRO A 234 -7.63 -5.13 -18.94
N GLU A 235 -8.64 -4.60 -19.64
CA GLU A 235 -9.38 -3.41 -19.03
C GLU A 235 -10.11 -3.61 -17.78
N MET A 236 -10.81 -4.73 -17.62
CA MET A 236 -11.65 -4.86 -16.39
C MET A 236 -10.71 -5.03 -15.20
N MET A 237 -9.68 -5.85 -15.37
CA MET A 237 -8.69 -6.07 -14.27
C MET A 237 -7.96 -4.78 -13.92
N SER A 238 -7.61 -4.02 -14.96
CA SER A 238 -6.94 -2.73 -14.75
C SER A 238 -7.84 -1.80 -13.92
N GLU A 239 -9.15 -1.84 -14.14
CA GLU A 239 -10.04 -0.97 -13.39
C GLU A 239 -10.10 -1.37 -11.94
N VAL A 240 -10.15 -2.67 -11.64
CA VAL A 240 -10.28 -3.01 -10.21
C VAL A 240 -9.00 -2.64 -9.47
N ILE A 241 -7.87 -2.81 -10.15
CA ILE A 241 -6.57 -2.57 -9.55
C ILE A 241 -6.45 -1.04 -9.28
N ALA A 242 -6.77 -0.24 -10.28
CA ALA A 242 -6.65 1.25 -10.10
C ALA A 242 -7.70 1.78 -9.12
N ALA A 243 -8.89 1.18 -9.05
CA ALA A 243 -9.95 1.69 -8.18
C ALA A 243 -9.74 1.36 -6.70
N GLN A 244 -9.01 0.32 -6.36
CA GLN A 244 -9.02 0.04 -4.94
C GLN A 244 -7.72 -0.51 -4.42
N LEU A 245 -6.85 -1.07 -5.27
CA LEU A 245 -5.66 -1.74 -4.68
C LEU A 245 -4.76 -0.82 -3.80
N PRO A 246 -4.49 0.40 -4.24
CA PRO A 246 -3.60 1.21 -3.38
C PRO A 246 -4.28 1.43 -2.02
N LYS A 247 -5.60 1.67 -2.06
CA LYS A 247 -6.32 1.90 -0.79
C LYS A 247 -6.35 0.66 0.12
N ILE A 248 -6.53 -0.51 -0.49
CA ILE A 248 -6.51 -1.74 0.26
C ILE A 248 -5.13 -2.00 0.87
N LEU A 249 -4.12 -1.84 0.08
CA LEU A 249 -2.71 -2.04 0.62
C LEU A 249 -2.33 -1.08 1.71
N ALA A 250 -2.83 0.14 1.60
CA ALA A 250 -2.63 1.16 2.61
C ALA A 250 -3.37 0.83 3.94
N GLY A 251 -4.21 -0.23 3.94
CA GLY A 251 -4.95 -0.55 5.17
C GLY A 251 -6.21 0.29 5.36
N MET A 252 -6.67 1.00 4.36
CA MET A 252 -7.83 1.83 4.49
C MET A 252 -9.19 1.10 4.26
N VAL A 253 -9.24 -0.12 4.77
CA VAL A 253 -10.43 -0.99 4.75
C VAL A 253 -10.46 -1.74 6.06
N LYS A 254 -11.62 -2.36 6.33
CA LYS A 254 -11.81 -3.10 7.53
C LYS A 254 -11.92 -4.62 7.28
N PRO A 255 -10.84 -5.35 7.48
CA PRO A 255 -10.86 -6.83 7.35
C PRO A 255 -11.71 -7.47 8.43
N LEU A 256 -12.60 -8.41 8.11
CA LEU A 256 -13.42 -9.01 9.12
C LEU A 256 -12.70 -10.26 9.56
N LEU A 257 -12.67 -10.49 10.88
CA LEU A 257 -12.00 -11.67 11.47
C LEU A 257 -12.96 -12.52 12.30
N PHE A 258 -12.72 -13.82 12.30
CA PHE A 258 -13.51 -14.74 13.11
C PHE A 258 -12.91 -14.96 14.45
N HIS A 259 -11.60 -14.71 14.54
CA HIS A 259 -10.87 -14.87 15.79
C HIS A 259 -9.98 -13.67 16.08
N LYS A 260 -9.66 -13.47 17.35
CA LYS A 260 -8.76 -12.37 17.64
C LYS A 260 -7.88 -12.76 18.82
N LEU B 11 29.34 29.39 18.93
CA LEU B 11 28.50 28.64 19.89
C LEU B 11 27.80 27.50 19.11
N ILE B 12 27.62 27.67 17.79
CA ILE B 12 26.94 26.58 17.04
C ILE B 12 27.90 25.46 16.72
N PRO B 13 27.54 24.23 17.09
CA PRO B 13 28.37 23.05 16.82
C PRO B 13 28.68 22.98 15.33
N PRO B 14 29.86 22.49 15.02
CA PRO B 14 30.37 22.48 13.64
C PRO B 14 29.54 21.63 12.70
N LEU B 15 29.03 20.47 13.14
CA LEU B 15 28.21 19.70 12.19
C LEU B 15 26.93 20.48 11.80
N ILE B 16 26.38 21.23 12.71
CA ILE B 16 25.15 21.97 12.37
C ILE B 16 25.49 23.11 11.41
N ASN B 17 26.63 23.75 11.62
CA ASN B 17 27.05 24.81 10.67
C ASN B 17 27.27 24.16 9.31
N LEU B 18 27.81 22.96 9.30
CA LEU B 18 28.07 22.27 8.01
C LEU B 18 26.69 21.99 7.34
N LEU B 19 25.73 21.51 8.13
CA LEU B 19 24.36 21.23 7.60
C LEU B 19 23.79 22.51 7.02
N MET B 20 23.94 23.65 7.72
CA MET B 20 23.36 24.88 7.17
C MET B 20 24.02 25.20 5.83
N SER B 21 25.34 24.96 5.73
CA SER B 21 26.09 25.34 4.51
C SER B 21 25.73 24.50 3.27
N ILE B 22 25.22 23.27 3.51
CA ILE B 22 24.88 22.44 2.33
C ILE B 22 23.40 22.45 2.05
N GLU B 23 22.59 23.27 2.74
CA GLU B 23 21.19 23.33 2.39
C GLU B 23 21.01 23.82 0.93
N PRO B 24 20.09 23.30 0.19
CA PRO B 24 19.95 23.80 -1.19
C PRO B 24 19.49 25.23 -1.21
N ASP B 25 19.69 25.88 -2.34
CA ASP B 25 19.16 27.22 -2.41
C ASP B 25 17.67 27.11 -2.84
N VAL B 26 17.00 28.25 -2.91
CA VAL B 26 15.63 28.27 -3.42
C VAL B 26 15.43 27.61 -4.77
N ILE B 27 14.36 26.84 -4.88
CA ILE B 27 14.10 26.17 -6.11
C ILE B 27 12.70 26.60 -6.57
N TYR B 28 12.59 26.95 -7.86
CA TYR B 28 11.35 27.40 -8.42
C TYR B 28 10.60 26.28 -9.06
N ALA B 29 9.25 26.37 -9.03
CA ALA B 29 8.41 25.37 -9.67
C ALA B 29 8.32 25.53 -11.19
N GLY B 30 8.57 26.75 -11.68
CA GLY B 30 8.35 27.12 -13.08
C GLY B 30 6.87 27.19 -13.47
N HIS B 31 5.99 27.46 -12.50
CA HIS B 31 4.55 27.49 -12.76
C HIS B 31 4.10 28.79 -13.43
N ASP B 32 3.14 28.66 -14.34
CA ASP B 32 2.66 29.84 -15.05
C ASP B 32 1.49 30.44 -14.25
N ASN B 33 1.75 31.49 -13.47
CA ASN B 33 0.70 32.10 -12.66
C ASN B 33 -0.11 33.13 -13.46
N THR B 34 0.13 33.19 -14.76
CA THR B 34 -0.66 34.05 -15.67
C THR B 34 -2.05 33.48 -15.85
N LYS B 35 -2.17 32.16 -15.82
CA LYS B 35 -3.43 31.48 -16.12
C LYS B 35 -4.10 31.01 -14.86
N PRO B 36 -5.41 30.89 -14.90
CA PRO B 36 -6.17 30.38 -13.74
C PRO B 36 -5.76 28.95 -13.40
N ASP B 37 -5.78 28.57 -12.11
CA ASP B 37 -5.37 27.22 -11.74
C ASP B 37 -6.32 26.19 -12.30
N THR B 38 -5.77 25.05 -12.74
CA THR B 38 -6.59 23.90 -13.04
C THR B 38 -5.97 22.82 -12.20
N SER B 39 -6.74 21.77 -11.95
CA SER B 39 -6.22 20.66 -11.16
C SER B 39 -5.02 20.04 -11.89
N SER B 40 -5.08 19.96 -13.19
CA SER B 40 -3.97 19.38 -13.91
C SER B 40 -2.71 20.22 -13.95
N SER B 41 -2.87 21.54 -14.12
CA SER B 41 -1.70 22.41 -14.14
C SER B 41 -1.02 22.50 -12.77
N LEU B 42 -1.86 22.57 -11.72
CA LEU B 42 -1.28 22.63 -10.35
C LEU B 42 -0.54 21.32 -10.03
N LEU B 43 -1.19 20.18 -10.32
CA LEU B 43 -0.53 18.89 -9.93
C LEU B 43 0.71 18.70 -10.74
N THR B 44 0.60 19.10 -12.00
CA THR B 44 1.80 18.93 -12.87
C THR B 44 2.93 19.83 -12.40
N SER B 45 2.61 21.11 -11.98
CA SER B 45 3.69 21.95 -11.48
C SER B 45 4.24 21.44 -10.11
N LEU B 46 3.37 20.86 -9.28
CA LEU B 46 3.85 20.30 -8.04
C LEU B 46 4.80 19.15 -8.34
N ASN B 47 4.48 18.36 -9.36
CA ASN B 47 5.42 17.26 -9.71
C ASN B 47 6.71 17.74 -10.28
N GLN B 48 6.64 18.80 -11.11
CA GLN B 48 7.85 19.37 -11.66
C GLN B 48 8.80 19.89 -10.56
N LEU B 49 8.16 20.61 -9.62
CA LEU B 49 8.90 21.13 -8.45
C LEU B 49 9.47 19.91 -7.67
N GLY B 50 8.62 18.90 -7.49
CA GLY B 50 9.08 17.65 -6.89
C GLY B 50 10.36 17.11 -7.52
N GLU B 51 10.37 17.09 -8.84
CA GLU B 51 11.51 16.52 -9.57
C GLU B 51 12.79 17.33 -9.24
N ARG B 52 12.64 18.67 -9.32
CA ARG B 52 13.73 19.56 -8.96
C ARG B 52 14.21 19.41 -7.50
N GLN B 53 13.22 19.28 -6.60
CA GLN B 53 13.59 19.06 -5.24
C GLN B 53 14.24 17.73 -5.02
N LEU B 54 13.82 16.71 -5.77
CA LEU B 54 14.46 15.41 -5.68
C LEU B 54 15.92 15.44 -6.11
N LEU B 55 16.17 16.11 -7.23
CA LEU B 55 17.55 16.29 -7.66
C LEU B 55 18.40 17.00 -6.58
N SER B 56 17.77 17.99 -5.91
CA SER B 56 18.45 18.73 -4.90
C SER B 56 18.72 17.81 -3.66
N VAL B 57 17.79 16.98 -3.32
CA VAL B 57 18.02 15.97 -2.24
C VAL B 57 19.21 15.06 -2.56
N VAL B 58 19.28 14.60 -3.80
CA VAL B 58 20.43 13.73 -4.18
C VAL B 58 21.74 14.51 -3.99
N LYS B 59 21.78 15.77 -4.46
CA LYS B 59 23.03 16.50 -4.36
C LYS B 59 23.40 16.74 -2.90
N TRP B 60 22.39 17.13 -2.07
CA TRP B 60 22.59 17.32 -0.64
C TRP B 60 23.14 16.07 0.04
N SER B 61 22.61 14.93 -0.34
CA SER B 61 22.98 13.69 0.30
C SER B 61 24.47 13.34 -0.03
N LYS B 62 24.96 13.80 -1.20
CA LYS B 62 26.39 13.59 -1.54
C LYS B 62 27.29 14.39 -0.63
N SER B 63 26.76 15.48 -0.04
CA SER B 63 27.55 16.35 0.84
C SER B 63 27.29 16.08 2.30
N LEU B 64 26.28 15.29 2.60
CA LEU B 64 25.85 15.05 4.01
C LEU B 64 26.84 14.14 4.73
N PRO B 65 27.51 14.62 5.78
CA PRO B 65 28.52 13.76 6.45
C PRO B 65 28.00 12.41 6.85
N GLY B 66 28.72 11.41 6.42
CA GLY B 66 28.44 10.04 6.61
C GLY B 66 27.65 9.27 5.56
N PHE B 67 26.80 9.97 4.82
CA PHE B 67 25.91 9.26 3.93
C PHE B 67 26.67 8.52 2.81
N ARG B 68 27.65 9.22 2.26
CA ARG B 68 28.36 8.63 1.12
C ARG B 68 29.11 7.34 1.44
N ASN B 69 29.29 7.08 2.72
CA ASN B 69 30.00 5.85 3.17
C ASN B 69 29.11 4.63 3.35
N LEU B 70 27.79 4.81 3.24
CA LEU B 70 26.86 3.69 3.21
C LEU B 70 26.97 3.05 1.81
N HIS B 71 26.65 1.77 1.67
CA HIS B 71 26.59 1.11 0.35
C HIS B 71 25.72 1.96 -0.57
N ILE B 72 26.05 2.00 -1.86
CA ILE B 72 25.23 2.74 -2.79
C ILE B 72 23.78 2.31 -2.78
N ASP B 73 23.55 1.02 -2.65
CA ASP B 73 22.14 0.52 -2.68
C ASP B 73 21.35 1.11 -1.50
N ASP B 74 22.01 1.23 -0.34
CA ASP B 74 21.40 1.77 0.84
C ASP B 74 21.10 3.23 0.65
N GLN B 75 22.03 3.97 0.06
CA GLN B 75 21.75 5.42 -0.16
C GLN B 75 20.52 5.58 -1.06
N ILE B 76 20.45 4.76 -2.15
CA ILE B 76 19.32 4.84 -3.02
C ILE B 76 18.01 4.51 -2.32
N THR B 77 18.02 3.44 -1.49
CA THR B 77 16.86 3.00 -0.78
C THR B 77 16.39 4.09 0.17
N LEU B 78 17.35 4.69 0.90
CA LEU B 78 16.96 5.71 1.93
C LEU B 78 16.31 6.91 1.26
N ILE B 79 16.90 7.33 0.16
CA ILE B 79 16.25 8.44 -0.58
C ILE B 79 14.86 8.04 -1.10
N GLN B 80 14.72 6.86 -1.67
CA GLN B 80 13.44 6.40 -2.21
C GLN B 80 12.39 6.30 -1.09
N TYR B 81 12.86 5.95 0.12
CA TYR B 81 11.89 5.83 1.22
C TYR B 81 11.48 7.17 1.79
N SER B 82 12.42 8.11 1.81
CA SER B 82 12.14 9.34 2.61
C SER B 82 11.79 10.61 1.83
N TRP B 83 11.83 10.55 0.50
CA TRP B 83 11.66 11.78 -0.27
C TRP B 83 10.39 12.55 0.12
N MET B 84 9.26 11.85 0.28
CA MET B 84 8.00 12.59 0.56
C MET B 84 8.14 13.32 1.91
N SER B 85 8.71 12.67 2.90
CA SER B 85 8.88 13.27 4.23
C SER B 85 9.76 14.47 4.13
N LEU B 86 10.88 14.34 3.41
CA LEU B 86 11.79 15.47 3.25
C LEU B 86 11.10 16.71 2.53
N MET B 87 10.30 16.37 1.50
CA MET B 87 9.63 17.46 0.78
C MET B 87 8.60 18.16 1.68
N VAL B 88 7.80 17.37 2.40
CA VAL B 88 6.74 18.04 3.16
C VAL B 88 7.31 18.76 4.36
N PHE B 89 8.40 18.22 4.93
CA PHE B 89 9.04 18.91 6.04
C PHE B 89 9.70 20.20 5.60
N GLY B 90 10.26 20.24 4.39
CA GLY B 90 10.93 21.41 3.88
C GLY B 90 9.84 22.48 3.54
N LEU B 91 8.69 21.99 3.04
CA LEU B 91 7.53 22.87 2.72
C LEU B 91 7.09 23.51 4.01
N GLY B 92 7.14 22.75 5.09
CA GLY B 92 6.74 23.25 6.39
C GLY B 92 7.65 24.40 6.81
N TRP B 93 8.95 24.19 6.66
CA TRP B 93 9.92 25.19 7.06
C TRP B 93 9.82 26.46 6.24
N ARG B 94 9.79 26.31 4.90
CA ARG B 94 9.74 27.53 4.05
C ARG B 94 8.45 28.30 4.39
N SER B 95 7.35 27.59 4.63
CA SER B 95 6.09 28.33 4.90
C SER B 95 6.22 29.02 6.24
N TYR B 96 6.84 28.31 7.22
CA TYR B 96 7.07 28.97 8.49
C TYR B 96 7.91 30.24 8.38
N LYS B 97 8.97 30.16 7.61
CA LYS B 97 10.00 31.24 7.56
C LYS B 97 9.64 32.38 6.62
N HIS B 98 8.87 32.15 5.55
CA HIS B 98 8.61 33.24 4.58
C HIS B 98 7.21 33.87 4.73
N VAL B 99 6.23 33.11 5.21
CA VAL B 99 4.87 33.62 5.29
C VAL B 99 4.24 33.33 6.66
N SER B 100 5.11 33.27 7.69
CA SER B 100 4.71 32.99 9.09
C SER B 100 3.80 31.83 9.24
N GLY B 101 3.97 30.83 8.35
CA GLY B 101 3.22 29.58 8.32
C GLY B 101 1.80 29.62 7.82
N GLN B 102 1.37 30.79 7.31
CA GLN B 102 -0.03 30.95 6.98
C GLN B 102 -0.41 30.85 5.48
N MET B 103 0.53 30.35 4.65
CA MET B 103 0.23 29.91 3.28
C MET B 103 1.19 28.72 3.08
N LEU B 104 0.91 27.93 2.05
CA LEU B 104 1.85 26.87 1.69
C LEU B 104 2.79 27.41 0.69
N TYR B 105 4.06 27.55 1.10
CA TYR B 105 5.12 28.15 0.32
C TYR B 105 5.86 26.97 -0.38
N PHE B 106 5.23 26.44 -1.45
CA PHE B 106 5.95 25.33 -2.14
C PHE B 106 7.21 25.84 -2.80
N ALA B 107 7.07 27.06 -3.41
CA ALA B 107 8.20 27.73 -4.06
C ALA B 107 7.87 29.25 -4.14
N PRO B 108 8.86 30.05 -4.47
CA PRO B 108 8.60 31.51 -4.55
C PRO B 108 7.58 31.78 -5.65
N ASP B 109 7.44 30.94 -6.67
CA ASP B 109 6.46 31.16 -7.74
C ASP B 109 5.25 30.14 -7.62
N LEU B 110 5.15 29.45 -6.48
CA LEU B 110 4.02 28.59 -6.22
C LEU B 110 3.63 28.63 -4.75
N ILE B 111 2.90 29.69 -4.42
CA ILE B 111 2.43 29.89 -3.04
C ILE B 111 0.94 29.73 -3.03
N LEU B 112 0.46 28.97 -2.10
CA LEU B 112 -0.99 28.79 -2.08
C LEU B 112 -1.47 29.39 -0.72
N ASN B 113 -2.23 30.52 -0.73
CA ASN B 113 -2.90 30.91 0.46
C ASN B 113 -4.12 30.09 0.64
N GLU B 114 -4.90 30.31 1.72
CA GLU B 114 -5.99 29.36 1.98
C GLU B 114 -7.08 29.38 0.93
N GLN B 115 -7.32 30.55 0.37
CA GLN B 115 -8.33 30.69 -0.73
C GLN B 115 -7.88 29.85 -1.95
N ARG B 116 -6.59 29.89 -2.22
CA ARG B 116 -6.06 29.12 -3.35
C ARG B 116 -6.15 27.63 -3.05
N MET B 117 -5.92 27.24 -1.79
CA MET B 117 -6.09 25.86 -1.40
C MET B 117 -7.52 25.39 -1.58
N LYS B 118 -8.46 26.26 -1.17
CA LYS B 118 -9.86 25.89 -1.27
C LYS B 118 -10.28 25.67 -2.72
N GLU B 119 -9.70 26.45 -3.65
CA GLU B 119 -10.04 26.27 -5.09
C GLU B 119 -9.18 25.24 -5.83
N SER B 120 -8.32 24.54 -5.12
CA SER B 120 -7.28 23.69 -5.79
C SER B 120 -7.74 22.37 -6.40
N SER B 121 -8.79 21.79 -5.82
CA SER B 121 -9.26 20.40 -6.09
C SER B 121 -8.74 19.38 -5.06
N PHE B 122 -7.84 19.85 -4.19
CA PHE B 122 -7.35 19.00 -3.13
C PHE B 122 -7.14 19.80 -1.86
N TYR B 123 -8.18 20.55 -1.49
CA TYR B 123 -8.16 21.33 -0.23
C TYR B 123 -7.87 20.49 0.96
N SER B 124 -8.50 19.33 1.06
CA SER B 124 -8.23 18.54 2.30
C SER B 124 -6.74 18.13 2.42
N LEU B 125 -6.14 17.80 1.28
CA LEU B 125 -4.74 17.40 1.30
C LEU B 125 -3.90 18.62 1.65
N CYS B 126 -4.28 19.79 1.12
CA CYS B 126 -3.56 21.03 1.51
C CYS B 126 -3.67 21.25 3.02
N LEU B 127 -4.86 21.10 3.55
CA LEU B 127 -5.02 21.27 5.04
C LEU B 127 -4.08 20.28 5.78
N THR B 128 -3.98 19.01 5.30
CA THR B 128 -3.10 18.02 5.95
C THR B 128 -1.67 18.50 5.93
N MET B 129 -1.24 19.08 4.81
CA MET B 129 0.15 19.49 4.72
C MET B 129 0.39 20.76 5.58
N TRP B 130 -0.64 21.59 5.61
CA TRP B 130 -0.52 22.87 6.32
C TRP B 130 -0.36 22.64 7.85
N GLN B 131 -0.70 21.43 8.31
CA GLN B 131 -0.50 21.14 9.72
C GLN B 131 0.96 21.32 10.19
N ILE B 132 1.89 21.02 9.29
CA ILE B 132 3.28 21.01 9.70
C ILE B 132 3.79 22.42 10.03
N PRO B 133 3.62 23.41 9.16
CA PRO B 133 4.09 24.77 9.49
C PRO B 133 3.34 25.26 10.74
N GLN B 134 2.09 24.83 10.92
CA GLN B 134 1.44 25.33 12.16
C GLN B 134 2.13 24.75 13.40
N GLU B 135 2.61 23.50 13.30
CA GLU B 135 3.35 22.91 14.39
C GLU B 135 4.70 23.58 14.59
N PHE B 136 5.34 24.03 13.53
CA PHE B 136 6.61 24.71 13.64
C PHE B 136 6.39 26.03 14.39
N VAL B 137 5.27 26.67 14.07
CA VAL B 137 4.94 27.94 14.78
C VAL B 137 4.73 27.65 16.26
N LYS B 138 3.94 26.64 16.57
CA LYS B 138 3.64 26.32 17.94
C LYS B 138 4.86 25.96 18.76
N LEU B 139 5.77 25.17 18.18
CA LEU B 139 6.98 24.83 18.87
C LEU B 139 8.16 25.78 18.76
N GLN B 140 8.04 26.75 17.87
CA GLN B 140 9.12 27.65 17.58
C GLN B 140 10.38 26.81 17.30
N VAL B 141 10.27 25.92 16.32
CA VAL B 141 11.44 25.10 15.89
C VAL B 141 12.55 26.04 15.42
N SER B 142 13.78 25.76 15.88
CA SER B 142 14.91 26.57 15.40
C SER B 142 15.52 26.00 14.11
N GLN B 143 16.27 26.85 13.44
CA GLN B 143 16.97 26.37 12.24
C GLN B 143 17.87 25.18 12.54
N GLU B 144 18.54 25.21 13.69
CA GLU B 144 19.45 24.17 14.08
C GLU B 144 18.71 22.85 14.34
N GLU B 145 17.55 22.96 15.00
CA GLU B 145 16.75 21.75 15.27
C GLU B 145 16.20 21.20 13.92
N PHE B 146 15.72 22.09 13.06
CA PHE B 146 15.16 21.65 11.78
C PHE B 146 16.23 20.94 10.96
N LEU B 147 17.44 21.47 10.94
CA LEU B 147 18.48 20.83 10.10
C LEU B 147 18.78 19.42 10.61
N CYS B 148 18.84 19.21 11.91
CA CYS B 148 19.10 17.88 12.38
C CYS B 148 17.93 16.96 12.20
N MET B 149 16.72 17.50 12.42
CA MET B 149 15.50 16.69 12.21
C MET B 149 15.39 16.20 10.73
N LYS B 150 15.75 17.09 9.81
CA LYS B 150 15.64 16.70 8.39
C LYS B 150 16.57 15.54 8.10
N VAL B 151 17.81 15.53 8.68
CA VAL B 151 18.68 14.38 8.44
C VAL B 151 18.03 13.09 9.01
N LEU B 152 17.45 13.22 10.20
CA LEU B 152 16.84 12.04 10.80
C LEU B 152 15.68 11.49 9.94
N LEU B 153 14.97 12.38 9.21
CA LEU B 153 13.92 11.91 8.34
C LEU B 153 14.53 11.04 7.23
N LEU B 154 15.65 11.55 6.65
CA LEU B 154 16.30 10.68 5.65
C LEU B 154 16.67 9.29 6.16
N LEU B 155 16.95 9.19 7.45
CA LEU B 155 17.35 7.94 8.07
C LEU B 155 16.22 7.31 8.95
N ASN B 156 14.97 7.57 8.62
CA ASN B 156 13.84 7.17 9.46
C ASN B 156 13.08 5.90 9.06
N THR B 157 13.48 5.24 7.97
CA THR B 157 12.83 3.98 7.54
C THR B 157 13.89 3.15 6.91
N ILE B 158 13.93 1.84 7.25
CA ILE B 158 14.90 0.91 6.59
C ILE B 158 14.12 -0.31 6.10
N PRO B 159 14.73 -1.14 5.26
CA PRO B 159 14.02 -2.30 4.75
C PRO B 159 13.83 -3.32 5.92
N LEU B 160 12.87 -4.20 5.72
CA LEU B 160 12.56 -5.20 6.73
C LEU B 160 13.79 -6.01 7.04
N GLU B 161 14.58 -6.29 6.02
CA GLU B 161 15.79 -7.03 6.23
C GLU B 161 17.02 -6.20 6.63
N GLY B 162 16.82 -4.93 6.80
CA GLY B 162 17.92 -4.08 7.15
C GLY B 162 18.69 -3.68 5.91
N LEU B 163 19.66 -2.83 6.15
CA LEU B 163 20.52 -2.26 5.12
C LEU B 163 21.81 -3.08 4.98
N ARG B 164 22.51 -2.92 3.88
CA ARG B 164 23.79 -3.65 3.67
C ARG B 164 24.82 -3.09 4.66
N SER B 165 24.81 -1.78 4.87
CA SER B 165 25.76 -1.06 5.72
C SER B 165 25.02 -0.72 7.01
N GLN B 166 24.43 -1.73 7.61
CA GLN B 166 23.62 -1.49 8.82
C GLN B 166 24.45 -0.88 9.92
N THR B 167 25.70 -1.35 10.16
CA THR B 167 26.50 -0.78 11.22
C THR B 167 26.75 0.69 11.00
N GLN B 168 27.24 1.05 9.80
CA GLN B 168 27.51 2.44 9.55
C GLN B 168 26.20 3.28 9.65
N PHE B 169 25.10 2.73 9.22
CA PHE B 169 23.82 3.44 9.33
C PHE B 169 23.46 3.72 10.74
N GLU B 170 23.61 2.69 11.56
CA GLU B 170 23.26 2.92 12.95
C GLU B 170 24.18 4.00 13.58
N GLU B 171 25.46 3.96 13.25
CA GLU B 171 26.41 4.93 13.75
C GLU B 171 26.05 6.37 13.31
N MET B 172 25.62 6.45 12.06
CA MET B 172 25.29 7.75 11.47
C MET B 172 24.02 8.26 12.12
N ARG B 173 22.98 7.42 12.17
CA ARG B 173 21.73 7.88 12.79
C ARG B 173 21.99 8.31 14.22
N SER B 174 22.81 7.50 14.93
CA SER B 174 22.98 7.85 16.37
C SER B 174 23.69 9.21 16.52
N SER B 175 24.64 9.47 15.59
CA SER B 175 25.40 10.71 15.58
C SER B 175 24.47 11.92 15.37
N TYR B 176 23.51 11.79 14.39
CA TYR B 176 22.61 12.90 14.17
C TYR B 176 21.61 13.07 15.35
N ILE B 177 21.30 11.97 16.02
CA ILE B 177 20.40 12.13 17.19
C ILE B 177 21.18 12.91 18.29
N ARG B 178 22.44 12.55 18.48
CA ARG B 178 23.28 13.27 19.46
C ARG B 178 23.39 14.78 19.00
N GLU B 179 23.39 15.03 17.66
CA GLU B 179 23.45 16.44 17.18
C GLU B 179 22.19 17.23 17.41
N LEU B 180 21.05 16.52 17.31
CA LEU B 180 19.77 17.14 17.63
C LEU B 180 19.77 17.58 19.09
N ILE B 181 20.30 16.70 19.94
CA ILE B 181 20.35 17.03 21.38
C ILE B 181 21.18 18.27 21.62
N LYS B 182 22.28 18.41 20.88
CA LYS B 182 23.11 19.63 20.99
C LYS B 182 22.35 20.86 20.49
N ALA B 183 21.62 20.68 19.38
CA ALA B 183 20.86 21.80 18.85
C ALA B 183 19.84 22.27 19.88
N ILE B 184 19.18 21.33 20.51
CA ILE B 184 18.17 21.71 21.52
C ILE B 184 18.90 22.44 22.68
N GLY B 185 20.10 21.99 23.02
CA GLY B 185 20.87 22.62 24.11
C GLY B 185 21.22 24.08 23.86
N LEU B 186 21.20 24.55 22.60
CA LEU B 186 21.51 25.93 22.28
C LEU B 186 20.48 26.89 22.89
N ARG B 187 19.27 26.42 23.07
CA ARG B 187 18.29 27.36 23.60
C ARG B 187 17.68 26.87 24.83
N GLN B 188 17.53 25.55 24.95
CA GLN B 188 16.97 24.95 26.15
C GLN B 188 18.03 24.80 27.24
N GLY B 190 17.98 24.43 30.55
CA GLY B 190 17.42 23.64 31.71
C GLY B 190 17.31 22.15 31.38
N VAL B 191 17.59 21.32 32.37
CA VAL B 191 17.58 19.87 32.12
C VAL B 191 16.21 19.26 31.75
N VAL B 192 15.15 19.61 32.49
CA VAL B 192 13.85 18.97 32.22
C VAL B 192 13.30 19.51 30.94
N SER B 193 13.43 20.82 30.77
CA SER B 193 13.00 21.43 29.53
C SER B 193 13.71 20.88 28.30
N SER B 194 15.01 20.70 28.40
CA SER B 194 15.73 20.17 27.24
C SER B 194 15.31 18.73 26.97
N SER B 195 15.11 18.00 28.05
CA SER B 195 14.67 16.64 27.94
C SER B 195 13.27 16.56 27.33
N GLN B 196 12.39 17.38 27.82
CA GLN B 196 11.04 17.42 27.30
C GLN B 196 11.02 17.89 25.80
N ARG B 197 11.91 18.82 25.43
CA ARG B 197 11.96 19.29 24.04
C ARG B 197 12.44 18.14 23.15
N PHE B 198 13.38 17.36 23.60
CA PHE B 198 13.80 16.15 22.80
C PHE B 198 12.62 15.25 22.56
N TYR B 199 11.83 15.01 23.59
CA TYR B 199 10.61 14.25 23.41
C TYR B 199 9.66 14.82 22.36
N GLN B 200 9.41 16.11 22.46
CA GLN B 200 8.48 16.78 21.56
C GLN B 200 8.92 16.74 20.08
N LEU B 201 10.20 16.96 19.82
CA LEU B 201 10.63 17.11 18.44
C LEU B 201 10.67 15.69 17.85
N THR B 202 11.10 14.71 18.65
CA THR B 202 11.15 13.35 18.15
C THR B 202 9.76 12.74 17.97
N LYS B 203 8.88 13.10 18.89
CA LYS B 203 7.49 12.66 18.79
C LYS B 203 6.91 13.30 17.48
N LEU B 204 7.22 14.53 17.21
CA LEU B 204 6.80 15.17 15.98
C LEU B 204 7.24 14.35 14.74
N LEU B 205 8.49 13.91 14.72
CA LEU B 205 8.95 13.03 13.63
C LEU B 205 8.15 11.73 13.60
N ASP B 206 7.94 11.07 14.76
CA ASP B 206 7.11 9.85 14.74
C ASP B 206 5.75 10.13 14.13
N ASN B 207 5.16 11.25 14.54
CA ASN B 207 3.78 11.54 14.09
C ASN B 207 3.70 11.81 12.58
N LEU B 208 4.81 12.17 11.97
CA LEU B 208 4.88 12.45 10.52
C LEU B 208 4.66 11.21 9.68
N HIS B 209 5.10 10.06 10.19
CA HIS B 209 4.87 8.76 9.50
C HIS B 209 3.39 8.69 9.09
N ASP B 210 2.44 9.05 9.94
CA ASP B 210 1.07 8.99 9.53
C ASP B 210 0.54 10.01 8.54
N LEU B 211 1.02 11.22 8.67
CA LEU B 211 0.62 12.26 7.78
C LEU B 211 1.14 11.92 6.37
N VAL B 212 2.39 11.50 6.33
CA VAL B 212 2.99 11.15 5.04
C VAL B 212 2.30 9.95 4.37
N LYS B 213 1.73 9.05 5.15
CA LYS B 213 1.00 7.93 4.55
C LYS B 213 -0.15 8.46 3.73
N GLN B 214 -0.83 9.52 4.22
CA GLN B 214 -1.91 10.11 3.42
C GLN B 214 -1.40 10.68 2.06
N LEU B 215 -0.23 11.34 2.11
CA LEU B 215 0.37 11.95 0.91
C LEU B 215 0.81 10.84 -0.04
N HIS B 216 1.36 9.77 0.52
CA HIS B 216 1.83 8.64 -0.33
C HIS B 216 0.62 8.09 -1.13
N LEU B 217 -0.51 7.87 -0.44
CA LEU B 217 -1.68 7.25 -1.13
C LEU B 217 -2.19 8.20 -2.21
N TYR B 218 -2.28 9.48 -1.90
CA TYR B 218 -2.72 10.42 -2.89
C TYR B 218 -1.80 10.44 -4.09
N CYS B 219 -0.50 10.47 -3.84
CA CYS B 219 0.45 10.48 -4.91
C CYS B 219 0.35 9.22 -5.78
N LEU B 220 0.31 8.05 -5.16
CA LEU B 220 0.26 6.82 -5.98
C LEU B 220 -1.06 6.81 -6.82
N ASN B 221 -2.20 7.22 -6.26
CA ASN B 221 -3.47 7.19 -7.05
C ASN B 221 -3.34 8.16 -8.19
N THR B 222 -2.79 9.34 -7.91
CA THR B 222 -2.58 10.35 -8.96
C THR B 222 -1.69 9.78 -10.06
N PHE B 223 -0.61 9.05 -9.67
CA PHE B 223 0.33 8.46 -10.62
C PHE B 223 -0.39 7.43 -11.52
N ILE B 224 -1.10 6.54 -10.88
CA ILE B 224 -1.84 5.49 -11.64
C ILE B 224 -2.80 6.14 -12.59
N GLN B 225 -3.45 7.22 -12.16
CA GLN B 225 -4.48 7.85 -12.99
C GLN B 225 -3.94 9.00 -13.85
N SER B 226 -2.63 9.17 -13.88
CA SER B 226 -2.03 10.36 -14.48
C SER B 226 -2.50 10.70 -15.91
N ARG B 227 -2.63 9.67 -16.77
CA ARG B 227 -3.03 10.00 -18.16
C ARG B 227 -4.44 10.56 -18.25
N ALA B 228 -5.37 9.95 -17.54
CA ALA B 228 -6.78 10.40 -17.45
C ALA B 228 -6.90 11.79 -16.88
N LEU B 229 -6.05 12.08 -15.85
CA LEU B 229 -6.10 13.34 -15.18
C LEU B 229 -5.30 14.43 -15.87
N SER B 230 -4.50 14.09 -16.92
CA SER B 230 -3.67 15.01 -17.61
C SER B 230 -2.59 15.60 -16.67
N VAL B 231 -2.04 14.70 -15.84
CA VAL B 231 -1.00 15.12 -14.88
C VAL B 231 0.28 14.47 -15.32
N GLU B 232 1.35 15.21 -15.42
CA GLU B 232 2.59 14.63 -15.84
C GLU B 232 3.46 14.42 -14.59
N PHE B 233 4.15 13.29 -14.57
CA PHE B 233 5.13 13.00 -13.57
C PHE B 233 6.51 12.81 -14.22
N PRO B 234 7.52 13.61 -13.83
CA PRO B 234 8.84 13.51 -14.41
C PRO B 234 9.58 12.25 -14.14
N GLU B 235 10.76 12.14 -14.73
CA GLU B 235 11.52 10.92 -14.80
C GLU B 235 11.94 10.38 -13.41
N MET B 236 12.67 11.16 -12.62
CA MET B 236 13.12 10.61 -11.34
C MET B 236 11.94 10.40 -10.37
N MET B 237 10.98 11.31 -10.40
CA MET B 237 9.81 11.18 -9.57
C MET B 237 9.12 9.87 -9.92
N SER B 238 8.92 9.62 -11.21
CA SER B 238 8.32 8.37 -11.60
C SER B 238 9.08 7.14 -11.14
N GLU B 239 10.42 7.25 -11.21
CA GLU B 239 11.32 6.14 -10.80
C GLU B 239 11.20 5.80 -9.33
N VAL B 240 11.16 6.84 -8.47
CA VAL B 240 11.11 6.55 -7.05
C VAL B 240 9.71 6.08 -6.66
N ILE B 241 8.64 6.55 -7.37
CA ILE B 241 7.29 6.10 -7.04
C ILE B 241 7.20 4.61 -7.42
N ALA B 242 7.60 4.28 -8.66
CA ALA B 242 7.55 2.87 -9.10
C ALA B 242 8.39 1.96 -8.24
N ALA B 243 9.58 2.43 -7.84
CA ALA B 243 10.52 1.60 -7.05
C ALA B 243 10.03 1.16 -5.65
N GLN B 244 9.33 2.04 -4.97
CA GLN B 244 9.01 1.76 -3.60
C GLN B 244 7.62 2.13 -3.11
N LEU B 245 6.84 2.99 -3.80
CA LEU B 245 5.68 3.50 -3.12
C LEU B 245 4.65 2.39 -2.76
N PRO B 246 4.39 1.41 -3.64
CA PRO B 246 3.45 0.35 -3.27
C PRO B 246 3.99 -0.43 -2.03
N LYS B 247 5.30 -0.71 -2.01
CA LYS B 247 5.86 -1.46 -0.92
C LYS B 247 5.76 -0.65 0.39
N ILE B 248 6.02 0.67 0.30
CA ILE B 248 5.89 1.55 1.51
C ILE B 248 4.46 1.62 2.03
N LEU B 249 3.52 1.76 1.12
CA LEU B 249 2.11 1.81 1.51
C LEU B 249 1.61 0.52 2.09
N ALA B 250 2.15 -0.64 1.64
CA ALA B 250 1.80 -1.91 2.15
C ALA B 250 2.33 -2.16 3.54
N GLY B 251 3.18 -1.22 3.98
CA GLY B 251 3.85 -1.37 5.27
C GLY B 251 4.95 -2.45 5.27
N MET B 252 5.49 -2.73 4.11
CA MET B 252 6.49 -3.73 3.97
C MET B 252 7.91 -3.15 4.04
N VAL B 253 8.10 -2.29 5.02
CA VAL B 253 9.36 -1.61 5.32
C VAL B 253 9.32 -1.43 6.83
N LYS B 254 10.42 -0.97 7.44
CA LYS B 254 10.47 -0.80 8.87
C LYS B 254 10.66 0.69 9.27
N PRO B 255 9.60 1.37 9.68
CA PRO B 255 9.73 2.74 10.17
C PRO B 255 10.42 2.74 11.49
N LEU B 256 11.33 3.68 11.68
CA LEU B 256 12.07 3.75 12.94
C LEU B 256 11.30 4.72 13.81
N LEU B 257 10.94 4.28 15.00
CA LEU B 257 10.23 5.23 15.88
C LEU B 257 11.08 5.57 17.04
N PHE B 258 10.93 6.80 17.51
CA PHE B 258 11.65 7.27 18.69
C PHE B 258 10.94 6.92 19.96
N HIS B 259 9.63 6.64 19.83
CA HIS B 259 8.81 6.34 20.99
C HIS B 259 7.74 5.30 20.70
N LYS B 260 7.18 4.73 21.77
CA LYS B 260 6.04 3.86 21.64
C LYS B 260 4.82 4.69 21.15
N LYS B 261 4.02 4.07 20.28
CA LYS B 261 2.87 4.79 19.66
C LYS B 261 1.78 5.21 20.66
#